data_7NPP
#
_entry.id   7NPP
#
_cell.length_a   34.830
_cell.length_b   80.740
_cell.length_c   81.310
_cell.angle_alpha   90.000
_cell.angle_beta   90.000
_cell.angle_gamma   90.000
#
_symmetry.space_group_name_H-M   'P 21 21 21'
#
loop_
_entity.id
_entity.type
_entity.pdbx_description
1 polymer 'Alginate lyase (PL7)'
2 branched 'beta-D-mannopyranuronic acid-(1-4)-beta-D-mannopyranuronic acid-(1-4)-beta-D-mannopyranuronic acid-(1-4)-beta-D-mannopyranuronic acid-(1-4)-beta-D-mannopyranuronic acid'
3 non-polymer 2-[BIS-(2-HYDROXY-ETHYL)-AMINO]-2-HYDROXYMETHYL-PROPANE-1,3-DIOL
4 water water
#
_entity_poly.entity_id   1
_entity_poly.type   'polypeptide(L)'
_entity_poly.pdbx_seq_one_letter_code
;EFYTAPSTESKFTEVLSKAKLQYPTSTTVAFADDLLDGYAASYFYLTSDLYMQFQVAGSSQRSELREMETSGDEAAWDCT
GSTAHVASAQIAIPVQEDGIEEVTILQVHDSDVTPVLRISWVSSITIDGVTSEDVVLATIRNGIDDSTATKTVLQAHTTS
RTEFNINVQNSKLSITVDGTTELDEADISQFDGSTCYFKAGAFNNNPTDTSANARIKMYELEWVDHHHHHH
;
_entity_poly.pdbx_strand_id   A
#
# COMPACT_ATOMS: atom_id res chain seq x y z
N PHE A 2 -8.49 -1.37 24.67
CA PHE A 2 -9.42 -2.47 24.51
C PHE A 2 -9.42 -3.04 23.08
N TYR A 3 -8.29 -2.89 22.38
CA TYR A 3 -8.18 -3.36 21.01
C TYR A 3 -7.40 -4.67 20.96
N THR A 4 -7.86 -5.58 20.10
CA THR A 4 -7.14 -6.84 19.84
C THR A 4 -6.02 -6.62 18.82
N ALA A 5 -4.87 -7.22 19.07
CA ALA A 5 -3.71 -7.00 18.24
C ALA A 5 -3.72 -7.89 17.00
N PRO A 6 -3.37 -7.34 15.84
CA PRO A 6 -3.15 -8.18 14.65
C PRO A 6 -2.16 -9.32 14.85
N SER A 7 -1.19 -9.18 15.76
CA SER A 7 -0.22 -10.22 16.04
C SER A 7 -0.85 -11.49 16.61
N THR A 8 -2.08 -11.42 17.09
CA THR A 8 -2.75 -12.62 17.57
C THR A 8 -3.08 -13.60 16.45
N GLU A 9 -3.01 -13.17 15.20
CA GLU A 9 -3.28 -14.05 14.06
C GLU A 9 -1.97 -14.43 13.38
N SER A 10 -1.70 -15.74 13.33
CA SER A 10 -0.44 -16.21 12.77
C SER A 10 -0.28 -15.83 11.30
N LYS A 11 -1.39 -15.59 10.59
CA LYS A 11 -1.29 -15.17 9.19
C LYS A 11 -0.57 -13.85 9.05
N PHE A 12 -0.46 -13.06 10.11
CA PHE A 12 0.26 -11.79 10.05
C PHE A 12 1.64 -11.84 10.69
N THR A 13 2.04 -12.96 11.31
CA THR A 13 3.32 -12.97 12.03
C THR A 13 4.49 -12.59 11.12
N GLU A 14 4.57 -13.20 9.95
CA GLU A 14 5.74 -12.97 9.10
C GLU A 14 5.79 -11.53 8.61
N VAL A 15 4.68 -11.00 8.09
CA VAL A 15 4.73 -9.61 7.61
C VAL A 15 5.06 -8.64 8.74
N LEU A 16 4.48 -8.85 9.93
CA LEU A 16 4.77 -7.94 11.04
C LEU A 16 6.24 -8.03 11.46
N SER A 17 6.82 -9.23 11.38
CA SER A 17 8.25 -9.40 11.63
C SER A 17 9.10 -8.65 10.61
N LYS A 18 8.51 -8.38 9.43
CA LYS A 18 9.16 -7.71 8.32
C LYS A 18 8.53 -6.33 8.09
N ALA A 19 8.21 -5.61 9.16
CA ALA A 19 7.57 -4.32 9.03
C ALA A 19 7.83 -3.46 10.26
N LYS A 20 7.63 -2.17 10.08
CA LYS A 20 7.38 -1.23 11.17
C LYS A 20 6.15 -0.39 10.81
N LEU A 21 5.44 0.06 11.82
CA LEU A 21 4.20 0.82 11.64
C LEU A 21 4.46 2.30 11.85
N GLN A 22 4.06 3.12 10.86
CA GLN A 22 4.20 4.57 10.90
C GLN A 22 2.83 5.17 11.14
N TYR A 23 2.73 6.11 12.08
CA TYR A 23 1.50 6.82 12.36
C TYR A 23 1.83 8.06 13.19
N PRO A 24 1.20 9.22 12.92
CA PRO A 24 0.31 9.54 11.81
C PRO A 24 1.08 10.13 10.63
N THR A 25 2.39 10.33 10.80
CA THR A 25 3.25 10.85 9.72
C THR A 25 4.28 9.77 9.44
N SER A 26 5.51 10.16 9.09
CA SER A 26 6.53 9.17 8.76
C SER A 26 7.27 8.61 9.97
N THR A 27 6.99 9.08 11.18
CA THR A 27 7.66 8.57 12.37
C THR A 27 7.15 7.18 12.73
N THR A 28 8.07 6.28 13.06
CA THR A 28 7.68 4.95 13.48
C THR A 28 7.07 4.97 14.88
N VAL A 29 5.89 4.37 15.04
CA VAL A 29 5.31 4.20 16.38
C VAL A 29 5.57 2.81 16.92
N ALA A 30 5.68 1.81 16.04
CA ALA A 30 5.90 0.45 16.48
C ALA A 30 6.84 -0.26 15.52
N PHE A 31 7.91 -0.82 16.07
CA PHE A 31 8.83 -1.65 15.31
C PHE A 31 8.33 -3.09 15.31
N ALA A 32 9.03 -3.94 14.57
CA ALA A 32 8.59 -5.33 14.43
C ALA A 32 8.40 -5.98 15.79
N ASP A 33 9.37 -5.80 16.70
CA ASP A 33 9.24 -6.46 18.01
C ASP A 33 8.02 -5.95 18.78
N ASP A 34 7.72 -4.65 18.66
CA ASP A 34 6.53 -4.08 19.29
C ASP A 34 5.26 -4.68 18.68
N LEU A 35 5.23 -4.78 17.35
CA LEU A 35 4.06 -5.34 16.65
C LEU A 35 3.81 -6.78 17.08
N LEU A 36 4.86 -7.59 17.16
CA LEU A 36 4.72 -9.00 17.55
C LEU A 36 4.32 -9.16 18.99
N ASP A 37 4.57 -8.15 19.84
CA ASP A 37 4.25 -8.19 21.25
C ASP A 37 2.83 -7.69 21.52
N GLY A 38 2.03 -7.53 20.49
CA GLY A 38 0.64 -7.21 20.67
C GLY A 38 0.27 -5.75 20.54
N TYR A 39 1.04 -4.96 19.80
CA TYR A 39 0.70 -3.56 19.61
C TYR A 39 -0.68 -3.44 18.97
N ALA A 40 -1.52 -2.58 19.54
CA ALA A 40 -2.86 -2.32 19.02
C ALA A 40 -3.30 -0.93 19.46
N ALA A 41 -4.02 -0.24 18.58
CA ALA A 41 -4.53 1.11 18.83
C ALA A 41 -5.73 1.34 17.91
N SER A 42 -6.42 2.48 18.11
CA SER A 42 -7.57 2.79 17.28
C SER A 42 -7.19 2.79 15.79
N TYR A 43 -5.94 3.16 15.49
CA TYR A 43 -5.46 3.26 14.12
C TYR A 43 -4.88 1.97 13.57
N PHE A 44 -4.80 0.90 14.37
CA PHE A 44 -4.20 -0.37 13.94
C PHE A 44 -4.71 -1.45 14.88
N TYR A 45 -5.72 -2.21 14.46
CA TYR A 45 -6.23 -3.28 15.31
C TYR A 45 -6.85 -4.39 14.48
N LEU A 46 -7.11 -5.52 15.14
CA LEU A 46 -7.75 -6.68 14.54
C LEU A 46 -9.26 -6.66 14.81
N THR A 47 -10.04 -6.76 13.73
CA THR A 47 -11.49 -6.77 13.85
C THR A 47 -11.98 -8.17 14.23
N SER A 48 -13.26 -8.25 14.59
CA SER A 48 -13.80 -9.51 15.10
C SER A 48 -13.82 -10.61 14.05
N ASP A 49 -13.88 -10.23 12.76
CA ASP A 49 -13.81 -11.17 11.64
C ASP A 49 -12.40 -11.24 11.02
N LEU A 50 -11.38 -10.80 11.75
CA LEU A 50 -9.98 -11.17 11.51
C LEU A 50 -9.30 -10.36 10.39
N TYR A 51 -9.71 -9.11 10.24
CA TYR A 51 -9.03 -8.15 9.39
C TYR A 51 -8.11 -7.28 10.23
N MET A 52 -6.93 -6.99 9.68
CA MET A 52 -6.04 -5.95 10.18
C MET A 52 -6.53 -4.62 9.62
N GLN A 53 -7.05 -3.76 10.48
CA GLN A 53 -7.65 -2.51 10.05
C GLN A 53 -6.76 -1.31 10.37
N PHE A 54 -6.57 -0.46 9.37
CA PHE A 54 -5.85 0.80 9.48
C PHE A 54 -6.86 1.95 9.38
N GLN A 55 -6.67 2.99 10.19
CA GLN A 55 -7.60 4.11 10.21
C GLN A 55 -6.83 5.37 10.60
N VAL A 56 -7.11 6.48 9.91
CA VAL A 56 -6.38 7.73 10.16
C VAL A 56 -7.20 8.89 9.59
N ALA A 57 -7.09 10.04 10.26
CA ALA A 57 -7.70 11.28 9.82
C ALA A 57 -6.62 12.31 9.51
N GLY A 58 -6.95 13.26 8.64
CA GLY A 58 -6.07 14.39 8.38
C GLY A 58 -5.34 14.29 7.04
N SER A 59 -4.97 15.46 6.49
CA SER A 59 -4.39 15.52 5.16
C SER A 59 -2.99 14.94 5.15
N SER A 60 -2.78 13.98 4.27
CA SER A 60 -1.49 13.33 4.08
C SER A 60 -1.01 12.58 5.31
N GLN A 61 -1.93 12.25 6.20
CA GLN A 61 -1.61 11.42 7.36
C GLN A 61 -1.81 9.95 7.00
N ARG A 62 -1.18 9.09 7.81
CA ARG A 62 -1.12 7.68 7.45
C ARG A 62 -1.13 6.81 8.70
N SER A 63 -1.65 5.60 8.53
CA SER A 63 -1.36 4.45 9.39
C SER A 63 -0.89 3.38 8.41
N GLU A 64 0.42 3.11 8.37
CA GLU A 64 1.00 2.30 7.30
C GLU A 64 2.13 1.44 7.83
N LEU A 65 2.17 0.20 7.36
CA LEU A 65 3.32 -0.67 7.53
C LEU A 65 4.33 -0.36 6.43
N ARG A 66 5.59 -0.36 6.81
CA ARG A 66 6.72 -0.09 5.92
C ARG A 66 7.62 -1.32 5.96
N GLU A 67 7.96 -1.86 4.78
CA GLU A 67 8.72 -3.12 4.71
C GLU A 67 10.12 -3.02 5.36
N MET A 68 10.44 -4.03 6.17
CA MET A 68 11.70 -4.16 6.87
C MET A 68 12.30 -5.54 6.62
N GLU A 69 13.60 -5.67 6.83
CA GLU A 69 14.23 -6.97 6.92
C GLU A 69 14.19 -7.48 8.35
N THR A 70 14.24 -8.81 8.49
CA THR A 70 14.27 -9.40 9.83
C THR A 70 15.52 -9.00 10.60
N SER A 71 16.59 -8.64 9.91
CA SER A 71 17.81 -8.16 10.55
C SER A 71 17.64 -6.82 11.26
N GLY A 72 16.52 -6.11 11.03
CA GLY A 72 16.32 -4.76 11.49
C GLY A 72 16.73 -3.69 10.50
N ASP A 73 17.39 -4.07 9.41
CA ASP A 73 17.67 -3.13 8.34
C ASP A 73 16.36 -2.75 7.65
N GLU A 74 16.25 -1.49 7.22
CA GLU A 74 15.16 -1.11 6.35
C GLU A 74 15.30 -1.86 5.05
N ALA A 75 14.17 -2.28 4.49
CA ALA A 75 14.20 -2.80 3.14
C ALA A 75 14.65 -1.69 2.21
N ALA A 76 15.56 -2.05 1.30
CA ALA A 76 16.16 -1.11 0.36
C ALA A 76 16.69 -1.89 -0.83
N TRP A 77 15.78 -2.59 -1.51
CA TRP A 77 16.15 -3.41 -2.63
C TRP A 77 16.27 -2.60 -3.93
N ASP A 78 17.15 -3.07 -4.80
CA ASP A 78 17.32 -2.42 -6.10
C ASP A 78 15.99 -2.35 -6.83
N CYS A 79 15.51 -1.12 -7.07
CA CYS A 79 14.16 -0.97 -7.63
C CYS A 79 13.99 -1.73 -8.93
N THR A 80 15.06 -1.82 -9.75
CA THR A 80 14.98 -2.42 -11.08
C THR A 80 15.93 -3.62 -11.22
N GLY A 81 16.26 -4.27 -10.10
CA GLY A 81 17.19 -5.39 -10.11
C GLY A 81 16.57 -6.69 -10.60
N SER A 82 17.42 -7.72 -10.63
CA SER A 82 17.04 -9.02 -11.17
C SER A 82 16.20 -9.85 -10.21
N THR A 83 16.27 -9.60 -8.91
CA THR A 83 15.46 -10.32 -7.93
C THR A 83 14.03 -9.79 -8.02
N ALA A 84 13.06 -10.69 -8.08
CA ALA A 84 11.67 -10.29 -8.07
C ALA A 84 11.25 -9.95 -6.65
N HIS A 85 10.48 -8.87 -6.52
CA HIS A 85 9.86 -8.49 -5.27
C HIS A 85 8.36 -8.49 -5.47
N VAL A 86 7.65 -9.19 -4.58
CA VAL A 86 6.22 -9.43 -4.73
C VAL A 86 5.54 -9.04 -3.44
N ALA A 87 4.50 -8.21 -3.53
CA ALA A 87 3.62 -7.93 -2.41
C ALA A 87 2.25 -8.45 -2.78
N SER A 88 1.61 -9.17 -1.86
CA SER A 88 0.29 -9.72 -2.06
C SER A 88 -0.59 -9.32 -0.88
N ALA A 89 -1.82 -8.89 -1.16
CA ALA A 89 -2.71 -8.46 -0.10
C ALA A 89 -4.14 -8.79 -0.50
N GLN A 90 -4.94 -9.19 0.48
CA GLN A 90 -6.38 -9.32 0.32
C GLN A 90 -6.98 -8.13 1.07
N ILE A 91 -7.60 -7.20 0.36
CA ILE A 91 -8.02 -5.92 0.93
C ILE A 91 -9.51 -5.74 0.75
N ALA A 92 -10.21 -5.36 1.82
CA ALA A 92 -11.58 -4.91 1.74
C ALA A 92 -11.57 -3.42 1.97
N ILE A 93 -12.01 -2.66 0.96
CA ILE A 93 -12.03 -1.21 1.01
C ILE A 93 -13.45 -0.80 1.34
N PRO A 94 -13.77 -0.40 2.57
CA PRO A 94 -15.14 -0.01 2.88
C PRO A 94 -15.53 1.26 2.12
N VAL A 95 -16.83 1.53 2.08
CA VAL A 95 -17.27 2.85 1.65
C VAL A 95 -16.65 3.87 2.58
N GLN A 96 -15.98 4.86 2.01
CA GLN A 96 -15.24 5.81 2.83
C GLN A 96 -16.16 6.90 3.37
N GLU A 97 -15.79 7.41 4.55
CA GLU A 97 -16.53 8.47 5.21
C GLU A 97 -16.62 9.69 4.30
N ASP A 98 -17.68 10.48 4.50
CA ASP A 98 -17.83 11.72 3.77
C ASP A 98 -16.61 12.60 4.02
N GLY A 99 -16.09 13.19 2.94
CA GLY A 99 -14.92 14.03 3.00
C GLY A 99 -13.62 13.33 2.69
N ILE A 100 -13.64 12.00 2.59
CA ILE A 100 -12.46 11.23 2.18
C ILE A 100 -12.52 11.06 0.67
N GLU A 101 -11.46 11.49 -0.02
CA GLU A 101 -11.46 11.55 -1.49
C GLU A 101 -10.46 10.61 -2.14
N GLU A 102 -9.41 10.21 -1.45
CA GLU A 102 -8.43 9.27 -2.00
C GLU A 102 -7.69 8.63 -0.83
N VAL A 103 -7.52 7.30 -0.88
CA VAL A 103 -6.78 6.58 0.14
C VAL A 103 -5.82 5.63 -0.53
N THR A 104 -4.53 5.84 -0.29
CA THR A 104 -3.50 4.92 -0.79
C THR A 104 -3.41 3.71 0.14
N ILE A 105 -3.44 2.53 -0.48
CA ILE A 105 -3.52 1.27 0.25
C ILE A 105 -2.28 0.39 0.11
N LEU A 106 -1.52 0.53 -0.98
CA LEU A 106 -0.28 -0.19 -1.22
C LEU A 106 0.66 0.75 -1.96
N GLN A 107 1.96 0.66 -1.67
CA GLN A 107 2.95 1.47 -2.36
C GLN A 107 4.20 0.64 -2.64
N VAL A 108 4.90 1.03 -3.70
CA VAL A 108 6.33 0.82 -3.87
C VAL A 108 6.92 2.21 -3.78
N HIS A 109 7.81 2.42 -2.81
CA HIS A 109 8.38 3.73 -2.54
C HIS A 109 9.89 3.67 -2.64
N ASP A 110 10.53 4.72 -3.16
CA ASP A 110 11.98 4.75 -3.15
C ASP A 110 12.50 5.12 -1.75
N SER A 111 13.81 5.06 -1.60
CA SER A 111 14.40 5.30 -0.29
C SER A 111 14.60 6.77 -0.01
N ASP A 112 14.04 7.67 -0.83
CA ASP A 112 14.06 9.12 -0.57
C ASP A 112 12.62 9.63 -0.52
N VAL A 113 12.19 10.45 -1.48
CA VAL A 113 10.92 11.13 -1.34
C VAL A 113 9.95 10.83 -2.48
N THR A 114 10.15 9.76 -3.25
CA THR A 114 9.31 9.53 -4.42
C THR A 114 8.58 8.19 -4.38
N PRO A 115 7.24 8.14 -4.44
CA PRO A 115 6.54 6.86 -4.62
C PRO A 115 6.64 6.40 -6.06
N VAL A 116 7.22 5.21 -6.26
CA VAL A 116 7.23 4.57 -7.57
C VAL A 116 5.80 4.26 -8.00
N LEU A 117 5.06 3.57 -7.14
CA LEU A 117 3.69 3.17 -7.36
C LEU A 117 2.85 3.48 -6.13
N ARG A 118 1.68 4.05 -6.36
CA ARG A 118 0.61 4.02 -5.36
C ARG A 118 -0.59 3.31 -5.96
N ILE A 119 -1.17 2.38 -5.20
CA ILE A 119 -2.50 1.86 -5.48
C ILE A 119 -3.44 2.55 -4.51
N SER A 120 -4.45 3.23 -5.04
CA SER A 120 -5.35 4.01 -4.20
C SER A 120 -6.79 3.86 -4.65
N TRP A 121 -7.70 3.99 -3.69
CA TRP A 121 -9.09 4.26 -4.00
C TRP A 121 -9.27 5.75 -4.24
N VAL A 122 -10.07 6.13 -5.26
CA VAL A 122 -10.36 7.53 -5.54
C VAL A 122 -11.86 7.72 -5.73
N SER A 123 -12.40 8.80 -5.18
N SER A 123 -12.37 8.84 -5.22
CA SER A 123 -13.79 9.14 -5.44
CA SER A 123 -13.76 9.19 -5.49
C SER A 123 -14.00 9.43 -6.92
C SER A 123 -13.97 9.51 -6.98
N SER A 124 -13.03 10.09 -7.56
N SER A 124 -13.02 10.20 -7.60
CA SER A 124 -13.08 10.29 -9.00
CA SER A 124 -13.11 10.50 -9.03
C SER A 124 -11.67 10.50 -9.53
C SER A 124 -11.72 10.74 -9.59
N ILE A 125 -11.52 10.34 -10.84
CA ILE A 125 -10.26 10.59 -11.54
C ILE A 125 -10.60 10.83 -13.01
N THR A 126 -9.87 11.74 -13.66
CA THR A 126 -9.98 11.93 -15.10
C THR A 126 -8.63 11.63 -15.74
N ILE A 127 -8.63 10.71 -16.71
CA ILE A 127 -7.42 10.25 -17.38
C ILE A 127 -7.67 10.32 -18.88
N ASP A 128 -6.88 11.12 -19.58
CA ASP A 128 -6.99 11.24 -21.04
C ASP A 128 -8.43 11.55 -21.43
N GLY A 129 -9.04 12.49 -20.70
CA GLY A 129 -10.38 12.93 -20.98
C GLY A 129 -11.50 12.01 -20.50
N VAL A 130 -11.19 10.92 -19.81
CA VAL A 130 -12.19 9.95 -19.39
C VAL A 130 -12.29 10.03 -17.87
N THR A 131 -13.48 10.36 -17.38
CA THR A 131 -13.70 10.44 -15.94
C THR A 131 -14.31 9.14 -15.44
N SER A 132 -13.70 8.57 -14.41
CA SER A 132 -14.17 7.38 -13.72
C SER A 132 -14.43 7.73 -12.26
N GLU A 133 -15.49 7.16 -11.70
CA GLU A 133 -15.88 7.45 -10.32
C GLU A 133 -15.84 6.19 -9.49
N ASP A 134 -15.37 6.33 -8.25
CA ASP A 134 -15.39 5.24 -7.29
C ASP A 134 -14.62 4.03 -7.80
N VAL A 135 -13.32 4.24 -8.04
CA VAL A 135 -12.46 3.21 -8.61
C VAL A 135 -11.17 3.06 -7.81
N VAL A 136 -10.48 1.96 -8.08
CA VAL A 136 -9.13 1.73 -7.59
C VAL A 136 -8.14 1.97 -8.73
N LEU A 137 -7.07 2.71 -8.43
CA LEU A 137 -6.19 3.33 -9.41
C LEU A 137 -4.74 2.98 -9.12
N ALA A 138 -3.94 2.78 -10.17
CA ALA A 138 -2.48 2.75 -10.05
C ALA A 138 -1.89 4.07 -10.54
N THR A 139 -0.95 4.63 -9.77
CA THR A 139 -0.27 5.86 -10.13
C THR A 139 1.23 5.59 -10.10
N ILE A 140 1.88 5.71 -11.26
CA ILE A 140 3.32 5.49 -11.37
C ILE A 140 4.00 6.81 -11.74
N ARG A 141 4.86 7.31 -10.85
CA ARG A 141 5.55 8.55 -11.12
C ARG A 141 6.53 8.42 -12.29
N ASN A 142 6.53 9.44 -13.15
CA ASN A 142 7.32 9.41 -14.37
C ASN A 142 8.80 9.64 -14.11
N GLY A 143 9.16 10.19 -12.97
CA GLY A 143 10.56 10.38 -12.62
C GLY A 143 10.66 11.07 -11.27
N ILE A 144 11.85 10.98 -10.69
CA ILE A 144 12.12 11.70 -9.44
C ILE A 144 11.96 13.21 -9.65
N ASP A 145 12.41 13.72 -10.80
CA ASP A 145 12.40 15.15 -11.09
C ASP A 145 11.19 15.57 -11.92
N ASP A 146 10.17 14.73 -12.00
CA ASP A 146 8.96 15.02 -12.77
C ASP A 146 7.77 14.68 -11.88
N SER A 147 7.00 15.70 -11.50
CA SER A 147 5.90 15.47 -10.59
C SER A 147 4.73 14.73 -11.24
N THR A 148 4.72 14.62 -12.57
CA THR A 148 3.60 13.95 -13.23
C THR A 148 3.73 12.43 -13.14
N ALA A 149 2.61 11.77 -13.42
CA ALA A 149 2.48 10.33 -13.25
C ALA A 149 1.58 9.77 -14.34
N THR A 150 1.77 8.49 -14.61
CA THR A 150 0.91 7.70 -15.48
C THR A 150 -0.09 6.98 -14.58
N LYS A 151 -1.37 7.17 -14.86
CA LYS A 151 -2.45 6.64 -14.04
C LYS A 151 -3.25 5.61 -14.84
N THR A 152 -3.63 4.52 -14.17
CA THR A 152 -4.34 3.41 -14.79
C THR A 152 -5.43 2.94 -13.85
N VAL A 153 -6.69 2.95 -14.30
CA VAL A 153 -7.78 2.40 -13.52
C VAL A 153 -7.65 0.88 -13.49
N LEU A 154 -7.68 0.31 -12.27
CA LEU A 154 -7.49 -1.12 -12.06
C LEU A 154 -8.79 -1.88 -11.83
N GLN A 155 -9.77 -1.27 -11.19
CA GLN A 155 -10.94 -1.99 -10.69
C GLN A 155 -12.03 -0.99 -10.34
N ALA A 156 -13.29 -1.32 -10.64
CA ALA A 156 -14.38 -0.61 -10.00
C ALA A 156 -14.37 -0.96 -8.51
N HIS A 157 -14.55 0.03 -7.65
CA HIS A 157 -14.56 -0.22 -6.21
C HIS A 157 -15.69 -1.16 -5.82
N THR A 158 -15.34 -2.19 -5.05
CA THR A 158 -16.30 -3.04 -4.37
C THR A 158 -15.90 -3.09 -2.90
N THR A 159 -16.87 -3.33 -2.04
CA THR A 159 -16.52 -3.57 -0.63
C THR A 159 -16.05 -5.00 -0.40
N SER A 160 -16.15 -5.87 -1.40
CA SER A 160 -15.72 -7.26 -1.25
C SER A 160 -14.21 -7.37 -1.14
N ARG A 161 -13.76 -8.36 -0.36
CA ARG A 161 -12.34 -8.67 -0.26
C ARG A 161 -11.78 -8.94 -1.66
N THR A 162 -10.69 -8.23 -2.00
CA THR A 162 -10.09 -8.26 -3.33
C THR A 162 -8.60 -8.55 -3.19
N GLU A 163 -8.11 -9.48 -4.00
N GLU A 163 -8.07 -9.43 -4.05
CA GLU A 163 -6.68 -9.79 -4.01
CA GLU A 163 -6.67 -9.83 -4.00
C GLU A 163 -5.95 -8.79 -4.92
C GLU A 163 -5.83 -8.96 -4.94
N PHE A 164 -4.90 -8.20 -4.38
CA PHE A 164 -3.99 -7.34 -5.12
C PHE A 164 -2.58 -7.95 -5.06
N ASN A 165 -1.89 -8.01 -6.20
N ASN A 165 -1.93 -8.09 -6.20
CA ASN A 165 -0.53 -8.55 -6.27
CA ASN A 165 -0.54 -8.52 -6.25
C ASN A 165 0.32 -7.61 -7.09
C ASN A 165 0.24 -7.48 -7.03
N ILE A 166 1.43 -7.14 -6.51
CA ILE A 166 2.41 -6.29 -7.18
C ILE A 166 3.66 -7.10 -7.41
N ASN A 167 4.08 -7.22 -8.67
CA ASN A 167 5.32 -7.93 -9.02
C ASN A 167 6.29 -6.96 -9.66
N VAL A 168 7.47 -6.83 -9.08
CA VAL A 168 8.51 -5.91 -9.55
C VAL A 168 9.75 -6.73 -9.87
N GLN A 169 10.19 -6.68 -11.12
CA GLN A 169 11.39 -7.43 -11.52
C GLN A 169 11.96 -6.81 -12.78
N ASN A 170 13.27 -6.59 -12.82
N ASN A 170 13.28 -6.76 -12.82
CA ASN A 170 13.97 -6.21 -14.05
CA ASN A 170 14.01 -5.95 -13.77
C ASN A 170 13.37 -4.98 -14.74
C ASN A 170 13.35 -4.57 -13.74
N SER A 171 13.13 -3.91 -13.96
N SER A 171 13.30 -3.87 -14.86
CA SER A 171 12.70 -2.60 -14.44
CA SER A 171 12.72 -2.53 -14.89
C SER A 171 11.27 -2.56 -14.97
C SER A 171 11.22 -2.55 -15.16
N LYS A 172 10.50 -3.60 -14.72
CA LYS A 172 9.07 -3.71 -15.05
C LYS A 172 8.26 -3.96 -13.79
N LEU A 173 7.04 -3.45 -13.77
CA LEU A 173 6.11 -3.62 -12.65
C LEU A 173 4.75 -4.04 -13.17
N SER A 174 4.19 -5.10 -12.58
CA SER A 174 2.88 -5.62 -12.96
C SER A 174 1.97 -5.66 -11.74
N ILE A 175 0.67 -5.46 -11.99
CA ILE A 175 -0.37 -5.51 -10.95
C ILE A 175 -1.47 -6.45 -11.42
N THR A 176 -1.82 -7.42 -10.56
CA THR A 176 -2.96 -8.29 -10.80
C THR A 176 -4.03 -8.02 -9.75
N VAL A 177 -5.28 -8.07 -10.17
CA VAL A 177 -6.41 -7.82 -9.28
C VAL A 177 -7.35 -9.00 -9.47
N ASP A 178 -7.60 -9.73 -8.39
CA ASP A 178 -8.41 -10.96 -8.46
C ASP A 178 -7.99 -11.83 -9.64
N GLY A 179 -6.68 -12.00 -9.79
CA GLY A 179 -6.11 -12.94 -10.73
C GLY A 179 -5.93 -12.41 -12.14
N THR A 180 -6.42 -11.20 -12.44
CA THR A 180 -6.40 -10.63 -13.77
C THR A 180 -5.35 -9.54 -13.81
N THR A 181 -4.44 -9.61 -14.80
CA THR A 181 -3.43 -8.57 -14.94
C THR A 181 -4.13 -7.28 -15.38
N GLU A 182 -4.00 -6.24 -14.57
CA GLU A 182 -4.58 -4.94 -14.89
C GLU A 182 -3.52 -3.90 -15.24
N LEU A 183 -2.26 -4.17 -14.94
CA LEU A 183 -1.14 -3.34 -15.37
C LEU A 183 -0.03 -4.34 -15.72
N ASP A 184 0.31 -4.43 -17.00
CA ASP A 184 1.19 -5.49 -17.52
C ASP A 184 2.57 -4.91 -17.84
N GLU A 185 3.52 -5.13 -16.93
CA GLU A 185 4.93 -4.80 -17.17
C GLU A 185 5.11 -3.33 -17.55
N ALA A 186 4.57 -2.46 -16.71
CA ALA A 186 4.82 -1.03 -16.85
C ALA A 186 6.30 -0.73 -16.59
N ASP A 187 6.85 0.17 -17.40
CA ASP A 187 8.27 0.50 -17.28
C ASP A 187 8.52 1.37 -16.06
N ILE A 188 9.54 0.99 -15.26
CA ILE A 188 9.97 1.80 -14.11
C ILE A 188 11.46 2.07 -14.14
N SER A 189 12.04 2.06 -15.34
CA SER A 189 13.47 2.33 -15.50
C SER A 189 13.86 3.70 -14.97
N GLN A 190 12.91 4.64 -14.85
CA GLN A 190 13.22 5.93 -14.25
C GLN A 190 13.71 5.79 -12.81
N PHE A 191 13.55 4.61 -12.20
CA PHE A 191 14.08 4.31 -10.87
C PHE A 191 15.35 3.45 -10.88
N ASP A 192 16.00 3.31 -12.04
CA ASP A 192 17.32 2.66 -12.06
C ASP A 192 18.25 3.41 -11.10
N GLY A 193 19.05 2.69 -10.33
CA GLY A 193 19.86 3.40 -9.35
C GLY A 193 19.14 3.98 -8.13
N SER A 194 17.84 3.74 -7.98
CA SER A 194 17.16 3.93 -6.72
C SER A 194 17.03 2.59 -5.98
N THR A 195 16.83 2.67 -4.68
CA THR A 195 16.38 1.52 -3.90
C THR A 195 14.93 1.74 -3.44
N CYS A 196 14.29 0.63 -3.09
CA CYS A 196 12.84 0.58 -2.96
C CYS A 196 12.39 -0.30 -1.78
N TYR A 197 11.12 -0.11 -1.41
CA TYR A 197 10.46 -0.92 -0.40
C TYR A 197 8.95 -0.85 -0.60
N PHE A 198 8.24 -1.84 -0.07
CA PHE A 198 6.79 -1.83 -0.07
C PHE A 198 6.23 -1.13 1.17
N LYS A 199 5.00 -0.65 1.01
CA LYS A 199 4.19 -0.15 2.11
C LYS A 199 2.76 -0.62 1.91
N ALA A 200 2.00 -0.68 3.02
CA ALA A 200 0.61 -1.09 2.99
C ALA A 200 -0.12 -0.48 4.17
N GLY A 201 -1.34 -0.01 3.93
CA GLY A 201 -2.15 0.50 5.00
C GLY A 201 -3.21 1.47 4.52
N ALA A 202 -3.33 2.61 5.22
CA ALA A 202 -4.19 3.71 4.81
C ALA A 202 -3.39 5.01 4.86
N PHE A 203 -3.28 5.67 3.72
CA PHE A 203 -2.56 6.94 3.59
C PHE A 203 -3.55 7.89 2.91
N ASN A 204 -4.00 8.89 3.66
CA ASN A 204 -5.15 9.73 3.31
C ASN A 204 -4.71 10.90 2.47
N ASN A 205 -5.16 10.93 1.21
CA ASN A 205 -4.68 11.93 0.25
C ASN A 205 -5.75 12.97 -0.06
N ASN A 206 -5.43 14.24 0.22
CA ASN A 206 -6.29 15.36 -0.16
C ASN A 206 -7.76 15.23 0.26
N PRO A 207 -8.03 14.95 1.53
CA PRO A 207 -9.42 14.95 1.99
C PRO A 207 -10.02 16.35 1.91
N THR A 208 -11.34 16.39 1.76
CA THR A 208 -12.05 17.66 1.87
C THR A 208 -12.58 17.91 3.28
N ASP A 209 -12.60 16.90 4.15
CA ASP A 209 -12.87 17.05 5.57
C ASP A 209 -11.65 16.49 6.31
N THR A 210 -10.87 17.39 6.93
CA THR A 210 -9.62 16.95 7.53
C THR A 210 -9.84 16.21 8.84
N SER A 211 -11.07 16.16 9.35
CA SER A 211 -11.39 15.40 10.54
C SER A 211 -11.97 14.02 10.24
N ALA A 212 -12.32 13.72 8.99
CA ALA A 212 -12.88 12.41 8.65
C ALA A 212 -11.81 11.33 8.68
N ASN A 213 -12.22 10.10 8.97
CA ASN A 213 -11.31 8.97 9.08
C ASN A 213 -11.34 8.16 7.79
N ALA A 214 -10.17 7.97 7.18
CA ALA A 214 -9.95 6.96 6.15
C ALA A 214 -9.78 5.61 6.84
N ARG A 215 -10.23 4.53 6.20
CA ARG A 215 -10.28 3.22 6.87
C ARG A 215 -10.11 2.12 5.82
N ILE A 216 -9.14 1.22 6.04
CA ILE A 216 -8.77 0.16 5.09
C ILE A 216 -8.55 -1.13 5.88
N LYS A 217 -9.04 -2.26 5.36
CA LYS A 217 -8.93 -3.53 6.07
C LYS A 217 -8.19 -4.57 5.22
N MET A 218 -7.24 -5.28 5.85
N MET A 218 -7.27 -5.31 5.83
CA MET A 218 -6.42 -6.32 5.22
CA MET A 218 -6.53 -6.34 5.12
C MET A 218 -6.75 -7.68 5.84
C MET A 218 -6.69 -7.68 5.80
N TYR A 219 -7.13 -8.66 5.01
CA TYR A 219 -7.35 -10.01 5.50
C TYR A 219 -6.10 -10.86 5.42
N GLU A 220 -5.21 -10.54 4.48
CA GLU A 220 -3.92 -11.19 4.30
C GLU A 220 -2.97 -10.14 3.78
N LEU A 221 -1.70 -10.23 4.18
CA LEU A 221 -0.67 -9.35 3.65
C LEU A 221 0.68 -10.04 3.77
N GLU A 222 1.45 -9.97 2.68
CA GLU A 222 2.82 -10.49 2.68
C GLU A 222 3.63 -9.77 1.62
N TRP A 223 4.92 -9.73 1.91
CA TRP A 223 5.94 -9.29 0.97
C TRP A 223 7.16 -10.19 1.03
N VAL A 224 7.59 -10.60 -0.17
CA VAL A 224 8.59 -11.64 -0.33
C VAL A 224 9.54 -11.28 -1.46
N ASP A 225 10.70 -11.92 -1.45
CA ASP A 225 11.63 -11.90 -2.56
C ASP A 225 11.64 -13.28 -3.21
N HIS A 226 11.93 -13.32 -4.51
CA HIS A 226 12.16 -14.56 -5.21
C HIS A 226 13.44 -14.37 -5.99
N HIS A 227 14.46 -15.18 -5.70
CA HIS A 227 15.76 -14.96 -6.29
C HIS A 227 15.87 -15.63 -7.65
N HIS A 228 16.27 -14.85 -8.64
CA HIS A 228 16.51 -15.29 -10.01
C HIS A 228 17.40 -16.53 -10.10
#